data_5VWX
#
_entry.id   5VWX
#
_cell.length_a   61.629
_cell.length_b   76.481
_cell.length_c   77.546
_cell.angle_alpha   90.00
_cell.angle_beta   90.00
_cell.angle_gamma   90.00
#
_symmetry.space_group_name_H-M   'P 21 21 21'
#
loop_
_entity.id
_entity.type
_entity.pdbx_description
1 polymer 'Bcl-2 homologous antagonist/killer'
2 polymer 'Bcl-2-like protein 11'
3 non-polymer 1,2-ETHANEDIOL
4 water water
#
loop_
_entity_poly.entity_id
_entity_poly.type
_entity_poly.pdbx_seq_one_letter_code
_entity_poly.pdbx_strand_id
1 'polypeptide(L)'
;GPLGSMSEEQVAQDTEEVFRSYVFYRHQQEQEAEGVAAPADPEMVTLPLQPSSTMGQVGRQLAIIGDDINRRYDSEFQTM
LQHLQPTAENAYEYFTKIATSLFESGINWGRVVALLGFGYRLALHVYQHGLTGFLGQVTRFVVDFMLHHSIARWIAQRGG
WVAALNLGNG
;
A,C
2 'polypeptide(L)' SRIISRIAQELRR(9R4)GDEFNATYA B,D
#
loop_
_chem_comp.id
_chem_comp.type
_chem_comp.name
_chem_comp.formula
EDO non-polymer 1,2-ETHANEDIOL 'C2 H6 O2'
#
# COMPACT_ATOMS: atom_id res chain seq x y z
N MET A 6 26.98 23.89 -11.70
CA MET A 6 25.88 24.71 -11.19
C MET A 6 25.88 24.75 -9.66
N SER A 7 24.94 25.50 -9.09
CA SER A 7 24.84 25.64 -7.64
C SER A 7 24.06 24.48 -7.02
N GLU A 8 24.46 24.12 -5.80
CA GLU A 8 23.80 23.04 -5.08
C GLU A 8 22.39 23.41 -4.65
N GLU A 9 22.07 24.71 -4.62
CA GLU A 9 20.70 25.12 -4.34
C GLU A 9 19.76 24.67 -5.45
N GLN A 10 20.16 24.87 -6.70
CA GLN A 10 19.34 24.42 -7.82
C GLN A 10 19.23 22.90 -7.86
N VAL A 11 20.28 22.19 -7.44
CA VAL A 11 20.25 20.74 -7.43
C VAL A 11 19.23 20.23 -6.41
N ALA A 12 19.18 20.85 -5.24
CA ALA A 12 18.23 20.43 -4.21
C ALA A 12 16.80 20.61 -4.68
N GLN A 13 16.53 21.70 -5.41
CA GLN A 13 15.18 21.95 -5.90
C GLN A 13 14.75 20.91 -6.92
N ASP A 14 15.68 20.49 -7.79
CA ASP A 14 15.37 19.47 -8.78
C ASP A 14 15.27 18.06 -8.20
N THR A 15 15.87 17.83 -7.03
CA THR A 15 15.86 16.49 -6.44
C THR A 15 14.43 16.04 -6.16
N GLU A 16 13.58 16.93 -5.65
CA GLU A 16 12.20 16.57 -5.39
C GLU A 16 11.53 16.02 -6.64
N GLU A 17 11.80 16.62 -7.81
CA GLU A 17 11.21 16.14 -9.04
C GLU A 17 11.92 14.88 -9.55
N VAL A 18 13.21 14.74 -9.27
CA VAL A 18 13.93 13.55 -9.70
C VAL A 18 13.50 12.34 -8.88
N PHE A 19 13.26 12.55 -7.58
CA PHE A 19 12.86 11.44 -6.72
C PHE A 19 11.42 11.01 -7.00
N ARG A 20 10.54 11.97 -7.23
CA ARG A 20 9.14 11.64 -7.52
C ARG A 20 9.05 10.81 -8.80
N SER A 21 9.76 11.21 -9.85
CA SER A 21 9.77 10.44 -11.09
C SER A 21 10.41 9.08 -10.87
N TYR A 22 11.47 9.01 -10.07
CA TYR A 22 12.12 7.73 -9.79
C TYR A 22 11.15 6.77 -9.11
N VAL A 23 10.44 7.24 -8.09
CA VAL A 23 9.46 6.39 -7.42
C VAL A 23 8.36 5.99 -8.38
N PHE A 24 7.97 6.88 -9.28
CA PHE A 24 6.91 6.59 -10.24
C PHE A 24 7.33 5.48 -11.19
N TYR A 25 8.41 5.71 -11.95
CA TYR A 25 8.79 4.76 -13.00
C TYR A 25 9.33 3.46 -12.44
N ARG A 26 9.94 3.48 -11.26
CA ARG A 26 10.34 2.24 -10.63
C ARG A 26 9.13 1.40 -10.25
N HIS A 27 8.13 2.03 -9.63
CA HIS A 27 6.90 1.31 -9.28
C HIS A 27 6.22 0.76 -10.52
N GLN A 28 6.18 1.55 -11.60
CA GLN A 28 5.50 1.09 -12.82
C GLN A 28 6.13 -0.19 -13.35
N GLN A 29 7.46 -0.27 -13.30
CA GLN A 29 8.14 -1.48 -13.72
C GLN A 29 8.08 -2.58 -12.67
N GLU A 30 7.99 -2.20 -11.38
CA GLU A 30 7.82 -3.19 -10.33
C GLU A 30 6.57 -4.03 -10.57
N GLN A 31 5.43 -3.37 -10.72
CA GLN A 31 4.17 -4.09 -10.92
C GLN A 31 4.12 -4.70 -12.32
N GLU A 32 4.18 -3.87 -13.35
CA GLU A 32 4.01 -4.35 -14.72
C GLU A 32 5.23 -5.13 -15.19
N LEU A 49 5.34 6.16 -23.28
CA LEU A 49 5.28 7.62 -23.15
C LEU A 49 6.65 8.27 -23.14
N GLN A 50 6.72 9.45 -22.55
CA GLN A 50 7.97 10.17 -22.39
C GLN A 50 7.80 11.26 -21.34
N PRO A 51 8.74 11.41 -20.40
CA PRO A 51 8.57 12.47 -19.38
C PRO A 51 8.41 13.83 -20.05
N SER A 52 7.87 14.77 -19.28
CA SER A 52 7.61 16.12 -19.79
C SER A 52 8.65 17.12 -19.32
N SER A 53 9.85 16.66 -19.02
CA SER A 53 10.93 17.51 -18.53
C SER A 53 12.22 16.69 -18.53
N THR A 54 13.31 17.35 -18.18
CA THR A 54 14.61 16.69 -18.07
C THR A 54 14.75 15.96 -16.73
N MET A 55 14.32 16.59 -15.63
CA MET A 55 14.43 15.93 -14.32
C MET A 55 13.55 14.69 -14.24
N GLY A 56 12.35 14.75 -14.84
CA GLY A 56 11.53 13.55 -14.90
C GLY A 56 12.18 12.44 -15.70
N GLN A 57 12.95 12.80 -16.73
CA GLN A 57 13.65 11.79 -17.50
C GLN A 57 14.82 11.20 -16.71
N VAL A 58 15.47 12.01 -15.87
CA VAL A 58 16.57 11.51 -15.05
C VAL A 58 16.07 10.44 -14.09
N GLY A 59 15.03 10.76 -13.30
CA GLY A 59 14.46 9.77 -12.42
C GLY A 59 14.03 8.51 -13.14
N ARG A 60 13.62 8.64 -14.40
CA ARG A 60 13.26 7.48 -15.19
C ARG A 60 14.49 6.71 -15.67
N GLN A 61 15.52 7.45 -16.10
CA GLN A 61 16.75 6.80 -16.56
C GLN A 61 17.39 5.99 -15.44
N LEU A 62 17.36 6.52 -14.22
CA LEU A 62 17.98 5.82 -13.10
C LEU A 62 17.16 4.62 -12.64
N ALA A 63 15.85 4.65 -12.86
CA ALA A 63 15.00 3.54 -12.44
C ALA A 63 15.13 2.34 -13.36
N ILE A 64 15.19 2.57 -14.68
CA ILE A 64 15.24 1.44 -15.61
C ILE A 64 16.65 0.88 -15.71
N ILE A 65 17.67 1.71 -15.52
CA ILE A 65 19.05 1.25 -15.67
C ILE A 65 19.35 0.14 -14.67
N GLY A 66 18.88 0.28 -13.45
CA GLY A 66 19.20 -0.69 -12.41
C GLY A 66 18.05 -1.57 -11.98
N ASP A 67 17.12 -1.88 -12.90
CA ASP A 67 16.01 -2.75 -12.55
C ASP A 67 16.50 -4.14 -12.15
N ASP A 68 17.46 -4.69 -12.92
CA ASP A 68 17.97 -6.02 -12.60
C ASP A 68 18.80 -6.00 -11.32
N ILE A 69 19.47 -4.90 -11.02
CA ILE A 69 20.22 -4.80 -9.77
C ILE A 69 19.25 -4.71 -8.58
N ASN A 70 18.23 -3.86 -8.70
CA ASN A 70 17.24 -3.74 -7.64
C ASN A 70 16.50 -5.05 -7.43
N ARG A 71 16.41 -5.88 -8.49
CA ARG A 71 15.72 -7.15 -8.37
C ARG A 71 16.54 -8.17 -7.58
N ARG A 72 17.85 -8.21 -7.83
CA ARG A 72 18.72 -9.13 -7.10
C ARG A 72 18.85 -8.76 -5.63
N TYR A 73 18.70 -7.48 -5.29
CA TYR A 73 18.71 -7.03 -3.91
C TYR A 73 17.32 -6.95 -3.29
N ASP A 74 16.30 -7.48 -3.97
CA ASP A 74 14.93 -7.32 -3.50
C ASP A 74 14.68 -8.11 -2.22
N SER A 75 15.02 -9.40 -2.22
CA SER A 75 14.75 -10.23 -1.06
C SER A 75 15.54 -9.76 0.15
N GLU A 76 16.78 -9.29 -0.06
CA GLU A 76 17.62 -8.89 1.06
C GLU A 76 17.12 -7.61 1.70
N PHE A 77 16.80 -6.59 0.88
CA PHE A 77 16.33 -5.32 1.45
C PHE A 77 14.92 -5.45 2.01
N GLN A 78 14.08 -6.28 1.41
CA GLN A 78 12.73 -6.48 1.92
C GLN A 78 12.77 -7.15 3.30
N THR A 79 13.69 -8.08 3.51
CA THR A 79 13.80 -8.75 4.79
C THR A 79 14.45 -7.83 5.83
N MET A 80 15.53 -7.15 5.46
CA MET A 80 16.23 -6.29 6.41
C MET A 80 15.36 -5.11 6.82
N LEU A 81 14.60 -4.53 5.88
CA LEU A 81 13.76 -3.39 6.21
C LEU A 81 12.59 -3.82 7.09
N GLN A 82 12.05 -5.01 6.87
CA GLN A 82 11.04 -5.55 7.79
C GLN A 82 11.63 -5.74 9.18
N HIS A 83 12.91 -6.10 9.26
CA HIS A 83 13.58 -6.15 10.56
C HIS A 83 13.63 -4.78 11.20
N LEU A 84 14.04 -3.77 10.43
CA LEU A 84 14.07 -2.41 10.96
C LEU A 84 12.69 -1.98 11.46
N GLN A 85 11.63 -2.42 10.80
CA GLN A 85 10.26 -2.06 11.15
C GLN A 85 10.09 -0.55 11.26
N PRO A 86 10.32 0.19 10.18
CA PRO A 86 10.20 1.65 10.24
C PRO A 86 8.75 2.10 10.26
N THR A 87 8.48 3.10 11.11
CA THR A 87 7.16 3.71 11.20
C THR A 87 7.26 5.18 10.80
N ALA A 88 6.09 5.82 10.69
CA ALA A 88 6.05 7.23 10.35
C ALA A 88 6.68 8.09 11.43
N GLU A 89 6.74 7.60 12.67
CA GLU A 89 7.25 8.37 13.80
C GLU A 89 8.73 8.12 14.07
N ASN A 90 9.33 7.11 13.46
CA ASN A 90 10.77 6.87 13.58
C ASN A 90 11.46 6.81 12.22
N ALA A 91 10.78 7.20 11.15
CA ALA A 91 11.38 7.08 9.81
C ALA A 91 12.51 8.07 9.60
N TYR A 92 12.45 9.24 10.25
CA TYR A 92 13.50 10.22 10.04
C TYR A 92 14.79 9.83 10.74
N GLU A 93 14.69 9.37 11.99
CA GLU A 93 15.88 8.95 12.72
C GLU A 93 16.62 7.85 11.97
N TYR A 94 15.87 6.89 11.42
CA TYR A 94 16.51 5.79 10.70
C TYR A 94 17.02 6.22 9.33
N PHE A 95 16.32 7.14 8.66
CA PHE A 95 16.79 7.61 7.37
C PHE A 95 18.09 8.40 7.51
N THR A 96 18.19 9.23 8.55
CA THR A 96 19.39 10.04 8.72
C THR A 96 20.61 9.16 9.05
N LYS A 97 20.41 8.14 9.89
CA LYS A 97 21.52 7.26 10.24
C LYS A 97 21.98 6.44 9.04
N ILE A 98 21.05 5.89 8.27
CA ILE A 98 21.41 5.02 7.17
C ILE A 98 22.05 5.83 6.03
N ALA A 99 21.48 6.99 5.73
CA ALA A 99 22.06 7.83 4.67
C ALA A 99 23.47 8.27 5.04
N THR A 100 23.68 8.69 6.29
CA THR A 100 25.01 9.07 6.73
C THR A 100 25.99 7.92 6.57
N SER A 101 25.63 6.73 7.07
CA SER A 101 26.53 5.58 6.96
C SER A 101 26.73 5.17 5.51
N LEU A 102 25.78 5.49 4.64
CA LEU A 102 25.92 5.12 3.23
C LEU A 102 27.02 5.93 2.55
N PHE A 103 27.10 7.22 2.86
CA PHE A 103 28.04 8.12 2.20
C PHE A 103 29.29 8.38 3.02
N GLU A 104 29.48 7.69 4.13
CA GLU A 104 30.64 7.96 4.98
C GLU A 104 31.94 7.57 4.29
N SER A 105 31.93 6.48 3.51
CA SER A 105 33.12 5.96 2.89
C SER A 105 33.23 6.30 1.41
N GLY A 106 32.56 7.37 0.97
CA GLY A 106 32.67 7.81 -0.41
C GLY A 106 31.31 8.15 -1.00
N ILE A 107 31.34 8.97 -2.05
CA ILE A 107 30.16 9.37 -2.79
C ILE A 107 30.41 9.09 -4.26
N ASN A 108 29.56 8.26 -4.87
CA ASN A 108 29.58 8.05 -6.31
C ASN A 108 28.14 8.03 -6.81
N TRP A 109 28.00 8.07 -8.13
CA TRP A 109 26.65 8.12 -8.72
C TRP A 109 25.82 6.91 -8.31
N GLY A 110 26.45 5.76 -8.12
CA GLY A 110 25.71 4.59 -7.70
C GLY A 110 25.13 4.74 -6.31
N ARG A 111 25.91 5.33 -5.39
CA ARG A 111 25.40 5.53 -4.03
C ARG A 111 24.33 6.60 -3.98
N VAL A 112 24.37 7.57 -4.90
CA VAL A 112 23.27 8.53 -5.01
C VAL A 112 21.99 7.82 -5.41
N VAL A 113 22.07 6.97 -6.43
CA VAL A 113 20.91 6.17 -6.82
C VAL A 113 20.44 5.30 -5.68
N ALA A 114 21.38 4.74 -4.92
CA ALA A 114 21.01 3.92 -3.77
C ALA A 114 20.22 4.72 -2.74
N LEU A 115 20.58 5.98 -2.54
CA LEU A 115 19.82 6.83 -1.64
C LEU A 115 18.39 7.01 -2.12
N LEU A 116 18.21 7.12 -3.44
CA LEU A 116 16.85 7.24 -3.98
C LEU A 116 16.05 5.96 -3.78
N GLY A 117 16.67 4.81 -4.02
CA GLY A 117 15.98 3.55 -3.79
C GLY A 117 15.63 3.34 -2.33
N PHE A 118 16.52 3.74 -1.43
CA PHE A 118 16.26 3.61 0.00
C PHE A 118 15.02 4.40 0.40
N GLY A 119 14.90 5.64 -0.08
CA GLY A 119 13.68 6.40 0.15
C GLY A 119 12.46 5.72 -0.43
N TYR A 120 12.63 5.06 -1.58
CA TYR A 120 11.52 4.36 -2.21
C TYR A 120 11.08 3.16 -1.37
N ARG A 121 12.03 2.29 -1.01
CA ARG A 121 11.69 1.12 -0.21
C ARG A 121 11.21 1.53 1.18
N LEU A 122 11.86 2.53 1.79
CA LEU A 122 11.49 2.94 3.14
C LEU A 122 10.04 3.38 3.21
N ALA A 123 9.58 4.17 2.24
CA ALA A 123 8.20 4.61 2.22
C ALA A 123 7.25 3.42 2.05
N LEU A 124 7.65 2.42 1.29
CA LEU A 124 6.81 1.23 1.11
C LEU A 124 6.68 0.45 2.42
N HIS A 125 7.81 0.19 3.07
CA HIS A 125 7.78 -0.60 4.30
C HIS A 125 7.11 0.14 5.44
N VAL A 126 7.16 1.48 5.43
CA VAL A 126 6.50 2.25 6.47
C VAL A 126 4.99 2.08 6.38
N TYR A 127 4.45 1.97 5.17
N TYR A 127 4.47 1.97 5.15
CA TYR A 127 3.00 1.84 5.04
CA TYR A 127 3.04 1.87 4.88
C TYR A 127 2.54 0.42 4.78
C TYR A 127 2.56 0.42 4.91
N GLN A 128 3.47 -0.55 4.72
CA GLN A 128 3.09 -1.93 5.00
C GLN A 128 2.71 -2.09 6.45
N HIS A 129 3.45 -1.41 7.34
CA HIS A 129 3.10 -1.35 8.75
C HIS A 129 1.78 -0.61 8.96
N GLY A 130 1.50 0.39 8.12
CA GLY A 130 0.28 1.18 8.25
C GLY A 130 -0.96 0.46 7.78
N LEU A 131 -0.85 -0.28 6.68
CA LEU A 131 -1.99 -1.03 6.16
C LEU A 131 -2.43 -2.10 7.15
N THR A 132 -1.50 -2.96 7.56
CA THR A 132 -1.82 -3.99 8.55
C THR A 132 -2.35 -3.36 9.83
N GLY A 133 -1.80 -2.22 10.23
CA GLY A 133 -2.30 -1.55 11.41
C GLY A 133 -3.71 -1.03 11.24
N PHE A 134 -4.01 -0.46 10.07
CA PHE A 134 -5.36 0.06 9.81
C PHE A 134 -6.34 -1.05 9.48
N LEU A 135 -5.86 -2.15 8.88
CA LEU A 135 -6.73 -3.29 8.65
C LEU A 135 -7.32 -3.82 9.96
N GLY A 136 -6.66 -3.54 11.09
CA GLY A 136 -7.26 -3.85 12.38
C GLY A 136 -8.26 -2.80 12.83
N GLN A 137 -8.09 -1.56 12.40
CA GLN A 137 -9.10 -0.53 12.67
C GLN A 137 -10.38 -0.82 11.89
N VAL A 138 -10.24 -1.15 10.61
CA VAL A 138 -11.43 -1.48 9.80
C VAL A 138 -12.08 -2.75 10.32
N THR A 139 -11.27 -3.71 10.78
CA THR A 139 -11.83 -4.93 11.35
C THR A 139 -12.73 -4.60 12.53
N ARG A 140 -12.27 -3.72 13.42
CA ARG A 140 -13.12 -3.30 14.54
C ARG A 140 -14.35 -2.55 14.04
N PHE A 141 -14.25 -1.88 12.89
CA PHE A 141 -15.43 -1.26 12.29
C PHE A 141 -16.47 -2.31 11.93
N VAL A 142 -16.05 -3.37 11.23
CA VAL A 142 -16.99 -4.37 10.76
C VAL A 142 -17.59 -5.14 11.93
N VAL A 143 -16.76 -5.59 12.86
CA VAL A 143 -17.25 -6.37 13.99
C VAL A 143 -18.30 -5.59 14.77
N ASP A 144 -17.99 -4.34 15.11
CA ASP A 144 -18.91 -3.55 15.93
C ASP A 144 -20.19 -3.19 15.17
N PHE A 145 -20.09 -2.96 13.86
CA PHE A 145 -21.27 -2.62 13.09
C PHE A 145 -22.21 -3.81 12.98
N MET A 146 -21.66 -4.99 12.66
CA MET A 146 -22.49 -6.19 12.60
C MET A 146 -23.11 -6.51 13.96
N LEU A 147 -22.42 -6.17 15.04
CA LEU A 147 -22.97 -6.42 16.38
C LEU A 147 -24.11 -5.45 16.69
N HIS A 148 -23.87 -4.15 16.55
CA HIS A 148 -24.83 -3.14 16.96
C HIS A 148 -25.91 -2.88 15.91
N HIS A 149 -25.86 -3.54 14.75
CA HIS A 149 -26.86 -3.34 13.71
C HIS A 149 -27.57 -4.63 13.32
N SER A 150 -27.60 -5.61 14.20
CA SER A 150 -28.33 -6.87 14.06
C SER A 150 -27.82 -7.73 12.91
N ILE A 151 -26.75 -7.31 12.22
CA ILE A 151 -26.21 -8.15 11.16
C ILE A 151 -25.68 -9.46 11.72
N ALA A 152 -25.04 -9.39 12.90
CA ALA A 152 -24.57 -10.61 13.54
C ALA A 152 -25.73 -11.51 13.94
N ARG A 153 -26.77 -10.93 14.54
CA ARG A 153 -27.95 -11.71 14.88
C ARG A 153 -28.62 -12.28 13.64
N TRP A 154 -28.60 -11.55 12.53
CA TRP A 154 -29.19 -12.06 11.29
C TRP A 154 -28.48 -13.33 10.83
N ILE A 155 -27.14 -13.30 10.82
CA ILE A 155 -26.39 -14.49 10.41
C ILE A 155 -26.45 -15.56 11.50
N ALA A 156 -26.46 -15.15 12.77
CA ALA A 156 -26.56 -16.12 13.85
C ALA A 156 -27.85 -16.91 13.76
N GLN A 157 -28.96 -16.24 13.45
CA GLN A 157 -30.25 -16.92 13.32
C GLN A 157 -30.31 -17.84 12.10
N ARG A 158 -29.35 -17.74 11.19
CA ARG A 158 -29.33 -18.57 9.99
C ARG A 158 -28.26 -19.64 10.01
N GLY A 159 -27.62 -19.86 11.16
CA GLY A 159 -26.65 -20.92 11.30
C GLY A 159 -25.19 -20.51 11.45
N GLY A 160 -24.92 -19.24 11.75
CA GLY A 160 -23.55 -18.79 11.94
C GLY A 160 -22.81 -18.58 10.63
N TRP A 161 -21.57 -18.13 10.76
CA TRP A 161 -20.74 -17.86 9.58
C TRP A 161 -20.58 -19.10 8.71
N VAL A 162 -20.49 -20.27 9.34
CA VAL A 162 -20.25 -21.50 8.59
C VAL A 162 -21.36 -21.76 7.58
N ALA A 163 -22.56 -21.22 7.80
CA ALA A 163 -23.64 -21.43 6.86
C ALA A 163 -23.30 -20.89 5.48
N ALA A 164 -22.52 -19.81 5.41
CA ALA A 164 -22.13 -19.23 4.13
C ALA A 164 -21.25 -20.17 3.31
N LEU A 165 -20.81 -21.30 3.87
CA LEU A 165 -19.95 -22.21 3.14
C LEU A 165 -20.70 -22.96 2.05
N ASN A 166 -22.03 -22.99 2.10
CA ASN A 166 -22.84 -23.65 1.10
C ASN A 166 -23.25 -22.74 -0.06
N LEU A 167 -22.92 -21.46 0.02
CA LEU A 167 -23.11 -20.57 -1.11
C LEU A 167 -22.07 -20.90 -2.19
N GLY A 168 -22.54 -21.08 -3.42
CA GLY A 168 -21.69 -21.48 -4.51
C GLY A 168 -21.72 -22.96 -4.82
N ASN A 169 -22.15 -23.78 -3.87
CA ASN A 169 -22.29 -25.21 -4.09
C ASN A 169 -20.96 -25.87 -4.41
N SER B 1 23.03 0.87 15.97
CA SER B 1 22.49 -0.49 15.91
C SER B 1 23.11 -1.30 14.78
N ARG B 2 22.89 -2.61 14.82
CA ARG B 2 23.51 -3.48 13.83
C ARG B 2 22.67 -3.58 12.55
N ILE B 3 21.35 -3.53 12.69
CA ILE B 3 20.50 -3.58 11.51
C ILE B 3 20.62 -2.28 10.72
N ILE B 4 20.85 -1.16 11.40
CA ILE B 4 21.09 0.10 10.70
C ILE B 4 22.38 0.02 9.90
N SER B 5 23.45 -0.49 10.52
CA SER B 5 24.73 -0.60 9.83
C SER B 5 24.67 -1.66 8.72
N ARG B 6 23.93 -2.75 8.96
CA ARG B 6 23.79 -3.77 7.93
C ARG B 6 23.07 -3.23 6.70
N ILE B 7 21.99 -2.48 6.90
CA ILE B 7 21.25 -1.91 5.78
C ILE B 7 22.13 -0.92 5.03
N ALA B 8 22.84 -0.05 5.75
CA ALA B 8 23.72 0.92 5.11
C ALA B 8 24.80 0.21 4.30
N GLN B 9 25.31 -0.91 4.80
CA GLN B 9 26.33 -1.67 4.07
C GLN B 9 25.81 -2.14 2.72
N GLU B 10 24.64 -2.79 2.72
CA GLU B 10 24.09 -3.31 1.47
C GLU B 10 23.80 -2.19 0.48
N LEU B 11 23.44 -1.00 0.97
CA LEU B 11 23.25 0.13 0.07
C LEU B 11 24.56 0.52 -0.60
N ARG B 12 25.67 0.46 0.13
CA ARG B 12 26.96 0.82 -0.45
C ARG B 12 27.40 -0.22 -1.47
N ARG B 13 27.19 -1.50 -1.18
CA ARG B 13 27.41 -2.55 -2.17
C ARG B 13 26.36 -2.39 -3.27
N 9R4 B 14 25.20 -1.88 -2.87
CA 9R4 B 14 24.17 -1.42 -3.77
C 9R4 B 14 24.79 -0.52 -4.85
O 9R4 B 14 24.94 -0.92 -5.98
CB 9R4 B 14 23.36 -2.56 -4.41
CG 9R4 B 14 22.33 -2.03 -5.47
CD 9R4 B 14 21.34 -0.96 -4.93
NE 9R4 B 14 19.91 -1.27 -4.85
CZ 9R4 B 14 18.93 -0.27 -4.35
C01 9R4 B 14 18.93 0.95 -5.28
C02 9R4 B 14 19.34 0.18 -2.94
CH 9R4 B 14 17.52 -0.89 -4.30
O01 9R4 B 14 17.35 -2.10 -4.63
O02 9R4 B 14 16.54 -0.19 -3.93
O03 9R4 B 14 21.73 0.09 -4.61
N GLY B 15 25.12 0.71 -4.46
CA GLY B 15 25.61 1.71 -5.40
C GLY B 15 26.92 1.40 -6.09
N ASP B 16 27.86 0.81 -5.36
CA ASP B 16 29.19 0.58 -5.94
C ASP B 16 29.11 -0.38 -7.12
N GLU B 17 28.24 -1.39 -7.04
CA GLU B 17 28.02 -2.24 -8.21
C GLU B 17 27.33 -1.46 -9.32
N PHE B 18 26.31 -0.67 -8.98
CA PHE B 18 25.67 0.19 -9.97
C PHE B 18 26.67 1.17 -10.56
N ASN B 19 27.43 1.85 -9.70
CA ASN B 19 28.43 2.80 -10.19
C ASN B 19 29.51 2.12 -11.02
N ALA B 20 29.76 0.83 -10.76
CA ALA B 20 30.85 0.14 -11.46
C ALA B 20 30.48 -0.21 -12.89
N THR B 21 29.21 -0.50 -13.18
CA THR B 21 28.78 -0.91 -14.50
C THR B 21 28.13 0.21 -15.30
N TYR B 22 28.12 1.43 -14.77
CA TYR B 22 27.48 2.55 -15.47
C TYR B 22 28.25 3.87 -15.40
N ALA B 23 29.09 4.08 -14.40
CA ALA B 23 29.81 5.35 -14.28
C ALA B 23 31.25 5.20 -14.77
N MET C 6 -27.12 -20.14 16.45
CA MET C 6 -25.93 -19.63 17.13
C MET C 6 -26.26 -18.42 18.00
N SER C 7 -25.27 -17.97 18.76
CA SER C 7 -25.40 -16.78 19.58
C SER C 7 -24.92 -15.56 18.80
N GLU C 8 -25.54 -14.41 19.06
CA GLU C 8 -25.14 -13.19 18.37
C GLU C 8 -23.77 -12.70 18.84
N GLU C 9 -23.36 -13.05 20.06
CA GLU C 9 -22.02 -12.71 20.52
C GLU C 9 -20.95 -13.54 19.83
N GLN C 10 -21.19 -14.85 19.70
CA GLN C 10 -20.21 -15.73 19.06
C GLN C 10 -19.97 -15.36 17.60
N VAL C 11 -21.01 -14.86 16.91
CA VAL C 11 -20.85 -14.49 15.51
C VAL C 11 -19.89 -13.32 15.38
N ALA C 12 -20.01 -12.32 16.27
CA ALA C 12 -19.13 -11.16 16.19
C ALA C 12 -17.67 -11.55 16.40
N GLN C 13 -17.42 -12.49 17.32
CA GLN C 13 -16.04 -12.90 17.56
C GLN C 13 -15.45 -13.63 16.36
N ASP C 14 -16.25 -14.42 15.65
CA ASP C 14 -15.78 -15.09 14.45
C ASP C 14 -15.64 -14.15 13.26
N THR C 15 -16.36 -13.03 13.27
CA THR C 15 -16.28 -12.11 12.13
C THR C 15 -14.88 -11.56 11.96
N GLU C 16 -14.21 -11.22 13.05
CA GLU C 16 -12.83 -10.75 12.97
C GLU C 16 -11.95 -11.74 12.22
N GLU C 17 -12.17 -13.04 12.45
CA GLU C 17 -11.39 -14.06 11.78
C GLU C 17 -11.86 -14.27 10.33
N VAL C 18 -13.14 -14.05 10.06
CA VAL C 18 -13.64 -14.19 8.69
C VAL C 18 -13.18 -13.03 7.83
N PHE C 19 -13.13 -11.83 8.39
CA PHE C 19 -12.74 -10.66 7.60
C PHE C 19 -11.25 -10.68 7.30
N ARG C 20 -10.42 -11.08 8.26
CA ARG C 20 -8.98 -11.16 8.01
C ARG C 20 -8.66 -12.14 6.88
N SER C 21 -9.29 -13.32 6.92
CA SER C 21 -9.08 -14.29 5.85
C SER C 21 -9.62 -13.77 4.52
N TYR C 22 -10.77 -13.10 4.55
CA TYR C 22 -11.33 -12.54 3.32
C TYR C 22 -10.37 -11.54 2.70
N VAL C 23 -9.83 -10.62 3.51
CA VAL C 23 -8.88 -9.65 3.00
C VAL C 23 -7.64 -10.35 2.47
N PHE C 24 -7.22 -11.44 3.12
CA PHE C 24 -6.05 -12.17 2.68
C PHE C 24 -6.27 -12.78 1.30
N TYR C 25 -7.27 -13.66 1.19
CA TYR C 25 -7.48 -14.38 -0.07
C TYR C 25 -8.00 -13.45 -1.16
N ARG C 26 -8.71 -12.38 -0.78
CA ARG C 26 -9.07 -11.37 -1.76
C ARG C 26 -7.83 -10.70 -2.33
N HIS C 27 -6.92 -10.29 -1.44
CA HIS C 27 -5.67 -9.69 -1.89
C HIS C 27 -4.83 -10.66 -2.71
N GLN C 28 -4.74 -11.92 -2.26
CA GLN C 28 -3.90 -12.90 -2.94
C GLN C 28 -4.38 -13.16 -4.37
N GLN C 29 -5.70 -13.25 -4.56
CA GLN C 29 -6.22 -13.46 -5.91
C GLN C 29 -6.21 -12.18 -6.74
N GLU C 30 -6.00 -11.02 -6.12
CA GLU C 30 -5.76 -9.80 -6.88
C GLU C 30 -4.29 -9.73 -7.31
N GLN C 31 -3.37 -9.97 -6.38
CA GLN C 31 -1.95 -10.03 -6.70
C GLN C 31 -1.69 -10.98 -7.87
N GLU C 32 -2.10 -12.23 -7.72
CA GLU C 32 -1.77 -13.26 -8.71
C GLU C 32 -2.49 -13.02 -10.03
N ALA C 33 -3.73 -12.57 -10.00
CA ALA C 33 -4.48 -12.34 -11.23
C ALA C 33 -3.95 -11.11 -11.97
N LEU C 49 -2.33 -25.22 -0.48
CA LEU C 49 -2.61 -24.75 0.86
C LEU C 49 -4.13 -24.64 1.09
N GLN C 50 -4.54 -24.87 2.33
CA GLN C 50 -5.93 -24.86 2.77
C GLN C 50 -5.97 -24.21 4.14
N PRO C 51 -6.95 -23.33 4.37
CA PRO C 51 -6.99 -22.63 5.66
C PRO C 51 -6.93 -23.59 6.83
N SER C 52 -6.52 -23.11 8.01
CA SER C 52 -6.37 -23.94 9.19
C SER C 52 -7.52 -23.75 10.17
N SER C 53 -8.69 -23.37 9.66
CA SER C 53 -9.86 -23.15 10.52
C SER C 53 -11.10 -23.07 9.65
N THR C 54 -12.26 -23.02 10.31
CA THR C 54 -13.51 -22.93 9.56
C THR C 54 -13.81 -21.50 9.15
N MET C 55 -13.60 -20.55 10.06
CA MET C 55 -13.82 -19.14 9.73
C MET C 55 -12.84 -18.68 8.66
N GLY C 56 -11.60 -19.17 8.69
CA GLY C 56 -10.67 -18.87 7.61
C GLY C 56 -11.12 -19.43 6.28
N GLN C 57 -11.79 -20.59 6.29
CA GLN C 57 -12.33 -21.14 5.06
C GLN C 57 -13.54 -20.34 4.56
N VAL C 58 -14.35 -19.81 5.48
CA VAL C 58 -15.50 -19.02 5.09
C VAL C 58 -15.04 -17.74 4.38
N GLY C 59 -14.16 -16.98 5.02
CA GLY C 59 -13.62 -15.79 4.38
C GLY C 59 -12.96 -16.08 3.04
N ARG C 60 -12.40 -17.28 2.89
CA ARG C 60 -11.80 -17.65 1.62
C ARG C 60 -12.85 -18.02 0.58
N GLN C 61 -13.88 -18.76 1.00
CA GLN C 61 -14.95 -19.12 0.07
C GLN C 61 -15.68 -17.90 -0.45
N LEU C 62 -15.88 -16.90 0.41
CA LEU C 62 -16.61 -15.70 0.00
C LEU C 62 -15.79 -14.81 -0.92
N ALA C 63 -14.45 -14.86 -0.79
CA ALA C 63 -13.61 -14.04 -1.65
C ALA C 63 -13.51 -14.60 -3.06
N ILE C 64 -13.39 -15.92 -3.18
CA ILE C 64 -13.23 -16.54 -4.50
C ILE C 64 -14.56 -16.66 -5.23
N ILE C 65 -15.66 -16.86 -4.49
CA ILE C 65 -16.96 -17.08 -5.14
C ILE C 65 -17.34 -15.88 -6.00
N GLY C 66 -17.09 -14.67 -5.52
CA GLY C 66 -17.50 -13.48 -6.24
C GLY C 66 -16.36 -12.71 -6.86
N ASP C 67 -15.29 -13.41 -7.26
CA ASP C 67 -14.17 -12.73 -7.89
C ASP C 67 -14.60 -12.04 -9.17
N ASP C 68 -15.44 -12.71 -9.97
CA ASP C 68 -15.89 -12.11 -11.22
C ASP C 68 -16.80 -10.91 -10.98
N ILE C 69 -17.56 -10.92 -9.90
CA ILE C 69 -18.43 -9.80 -9.58
C ILE C 69 -17.62 -8.60 -9.11
N ASN C 70 -16.66 -8.83 -8.20
CA ASN C 70 -15.85 -7.72 -7.70
C ASN C 70 -15.05 -7.05 -8.81
N ARG C 71 -14.70 -7.78 -9.87
CA ARG C 71 -13.95 -7.17 -10.97
C ARG C 71 -14.83 -6.28 -11.83
N ARG C 72 -16.07 -6.69 -12.10
CA ARG C 72 -16.95 -5.86 -12.91
C ARG C 72 -17.27 -4.56 -12.18
N TYR C 73 -17.23 -4.57 -10.85
CA TYR C 73 -17.41 -3.38 -10.03
C TYR C 73 -16.08 -2.74 -9.67
N ASP C 74 -14.97 -3.20 -10.24
CA ASP C 74 -13.66 -2.71 -9.83
C ASP C 74 -13.45 -1.26 -10.27
N SER C 75 -13.68 -0.97 -11.55
CA SER C 75 -13.48 0.39 -12.05
C SER C 75 -14.41 1.36 -11.37
N GLU C 76 -15.63 0.93 -11.04
CA GLU C 76 -16.61 1.81 -10.42
C GLU C 76 -16.20 2.17 -8.99
N PHE C 77 -15.82 1.17 -8.19
CA PHE C 77 -15.47 1.42 -6.81
C PHE C 77 -14.13 2.13 -6.68
N GLN C 78 -13.19 1.85 -7.60
CA GLN C 78 -11.91 2.55 -7.55
C GLN C 78 -12.07 4.04 -7.79
N THR C 79 -12.98 4.42 -8.69
CA THR C 79 -13.23 5.83 -8.96
C THR C 79 -14.04 6.49 -7.85
N MET C 80 -15.12 5.84 -7.42
CA MET C 80 -15.98 6.44 -6.39
C MET C 80 -15.26 6.57 -5.06
N LEU C 81 -14.45 5.56 -4.69
CA LEU C 81 -13.76 5.62 -3.40
C LEU C 81 -12.68 6.69 -3.41
N GLN C 82 -11.99 6.88 -4.55
CA GLN C 82 -11.05 7.99 -4.63
C GLN C 82 -11.76 9.34 -4.62
N HIS C 83 -13.03 9.37 -5.01
CA HIS C 83 -13.83 10.58 -4.86
C HIS C 83 -14.08 10.87 -3.38
N LEU C 84 -14.50 9.85 -2.62
CA LEU C 84 -14.70 10.04 -1.19
C LEU C 84 -13.43 10.51 -0.51
N GLN C 85 -12.27 10.04 -0.98
CA GLN C 85 -10.98 10.39 -0.40
C GLN C 85 -10.97 10.11 1.10
N PRO C 86 -11.18 8.86 1.51
CA PRO C 86 -11.19 8.56 2.95
C PRO C 86 -9.78 8.52 3.53
N THR C 87 -9.65 9.12 4.71
CA THR C 87 -8.40 9.11 5.46
C THR C 87 -8.62 8.38 6.78
N ALA C 88 -7.51 8.18 7.50
CA ALA C 88 -7.59 7.50 8.79
C ALA C 88 -8.43 8.29 9.81
N GLU C 89 -8.59 9.59 9.61
CA GLU C 89 -9.30 10.43 10.56
C GLU C 89 -10.77 10.62 10.22
N ASN C 90 -11.21 10.23 9.03
CA ASN C 90 -12.63 10.29 8.68
C ASN C 90 -13.16 8.95 8.20
N ALA C 91 -12.40 7.86 8.35
CA ALA C 91 -12.81 6.57 7.83
C ALA C 91 -13.98 5.98 8.61
N TYR C 92 -14.10 6.31 9.90
CA TYR C 92 -15.16 5.71 10.70
C TYR C 92 -16.52 6.32 10.36
N GLU C 93 -16.59 7.63 10.16
CA GLU C 93 -17.87 8.25 9.85
C GLU C 93 -18.37 7.84 8.47
N TYR C 94 -17.46 7.67 7.52
CA TYR C 94 -17.87 7.21 6.19
C TYR C 94 -18.28 5.74 6.22
N PHE C 95 -17.62 4.93 7.04
CA PHE C 95 -18.01 3.53 7.15
C PHE C 95 -19.39 3.38 7.78
N THR C 96 -19.68 4.21 8.79
CA THR C 96 -20.97 4.12 9.46
C THR C 96 -22.11 4.56 8.55
N LYS C 97 -21.90 5.62 7.79
CA LYS C 97 -22.95 6.09 6.88
C LYS C 97 -23.17 5.11 5.73
N ILE C 98 -22.09 4.61 5.13
CA ILE C 98 -22.22 3.74 3.98
C ILE C 98 -22.76 2.37 4.40
N ALA C 99 -22.26 1.83 5.51
CA ALA C 99 -22.76 0.55 6.00
C ALA C 99 -24.23 0.64 6.38
N THR C 100 -24.61 1.71 7.07
CA THR C 100 -26.01 1.89 7.42
C THR C 100 -26.89 1.92 6.19
N SER C 101 -26.53 2.73 5.19
CA SER C 101 -27.31 2.83 3.97
C SER C 101 -27.32 1.51 3.20
N LEU C 102 -26.30 0.66 3.39
CA LEU C 102 -26.25 -0.61 2.66
C LEU C 102 -27.35 -1.56 3.12
N PHE C 103 -27.61 -1.62 4.42
CA PHE C 103 -28.57 -2.56 5.00
C PHE C 103 -29.91 -1.93 5.31
N GLU C 104 -30.14 -0.68 4.89
CA GLU C 104 -31.39 -0.01 5.24
C GLU C 104 -32.59 -0.68 4.59
N SER C 105 -32.43 -1.17 3.36
CA SER C 105 -33.53 -1.76 2.60
C SER C 105 -33.50 -3.28 2.56
N GLY C 106 -32.84 -3.91 3.53
CA GLY C 106 -32.82 -5.36 3.60
C GLY C 106 -31.43 -5.90 3.90
N ILE C 107 -31.40 -7.13 4.42
CA ILE C 107 -30.15 -7.83 4.71
C ILE C 107 -30.21 -9.20 4.05
N ASN C 108 -29.25 -9.47 3.17
CA ASN C 108 -29.08 -10.80 2.59
C ASN C 108 -27.60 -11.15 2.59
N TRP C 109 -27.30 -12.42 2.29
CA TRP C 109 -25.91 -12.87 2.31
C TRP C 109 -25.04 -12.08 1.35
N GLY C 110 -25.59 -11.62 0.23
CA GLY C 110 -24.80 -10.83 -0.70
C GLY C 110 -24.38 -9.49 -0.12
N ARG C 111 -25.30 -8.85 0.62
CA ARG C 111 -24.96 -7.57 1.23
C ARG C 111 -23.98 -7.74 2.39
N VAL C 112 -23.99 -8.89 3.05
CA VAL C 112 -22.97 -9.17 4.06
C VAL C 112 -21.60 -9.23 3.40
N VAL C 113 -21.50 -9.98 2.29
CA VAL C 113 -20.23 -10.02 1.55
C VAL C 113 -19.83 -8.64 1.08
N ALA C 114 -20.82 -7.83 0.65
CA ALA C 114 -20.52 -6.47 0.22
C ALA C 114 -19.93 -5.65 1.35
N LEU C 115 -20.41 -5.86 2.58
CA LEU C 115 -19.82 -5.18 3.73
C LEU C 115 -18.38 -5.59 3.92
N LEU C 116 -18.06 -6.86 3.68
CA LEU C 116 -16.68 -7.32 3.79
C LEU C 116 -15.81 -6.67 2.72
N GLY C 117 -16.29 -6.62 1.48
CA GLY C 117 -15.52 -5.99 0.43
C GLY C 117 -15.31 -4.51 0.67
N PHE C 118 -16.33 -3.82 1.20
CA PHE C 118 -16.19 -2.41 1.49
C PHE C 118 -15.09 -2.15 2.52
N GLY C 119 -15.04 -2.97 3.58
CA GLY C 119 -13.93 -2.87 4.51
C GLY C 119 -12.60 -3.14 3.84
N TYR C 120 -12.58 -4.06 2.87
CA TYR C 120 -11.35 -4.35 2.15
C TYR C 120 -10.94 -3.18 1.27
N ARG C 121 -11.85 -2.69 0.42
CA ARG C 121 -11.52 -1.58 -0.46
C ARG C 121 -11.24 -0.30 0.34
N LEU C 122 -12.02 -0.05 1.40
CA LEU C 122 -11.82 1.16 2.18
C LEU C 122 -10.42 1.22 2.76
N ALA C 123 -9.94 0.09 3.30
CA ALA C 123 -8.59 0.06 3.85
C ALA C 123 -7.54 0.31 2.79
N LEU C 124 -7.79 -0.14 1.56
CA LEU C 124 -6.84 0.09 0.47
C LEU C 124 -6.73 1.59 0.15
N HIS C 125 -7.87 2.25 -0.03
CA HIS C 125 -7.84 3.66 -0.39
C HIS C 125 -7.32 4.54 0.73
N VAL C 126 -7.49 4.11 1.99
CA VAL C 126 -6.97 4.90 3.10
C VAL C 126 -5.45 4.93 3.07
N TYR C 127 -4.83 3.78 2.77
N TYR C 127 -4.80 3.82 2.76
CA TYR C 127 -3.38 3.60 2.78
CA TYR C 127 -3.34 3.82 2.81
C TYR C 127 -2.72 4.17 1.52
C TYR C 127 -2.68 3.92 1.45
N GLN C 128 -3.44 4.19 0.40
CA GLN C 128 -2.89 4.83 -0.78
C GLN C 128 -2.79 6.33 -0.54
N HIS C 129 -3.77 6.88 0.18
CA HIS C 129 -3.71 8.26 0.63
C HIS C 129 -2.55 8.49 1.60
N GLY C 130 -2.24 7.49 2.43
CA GLY C 130 -1.16 7.62 3.39
C GLY C 130 0.23 7.52 2.80
N LEU C 131 0.41 6.56 1.88
CA LEU C 131 1.70 6.41 1.22
C LEU C 131 2.04 7.65 0.39
N THR C 132 1.11 8.06 -0.48
CA THR C 132 1.31 9.28 -1.26
C THR C 132 1.61 10.46 -0.35
N GLY C 133 0.94 10.52 0.80
CA GLY C 133 1.24 11.57 1.76
C GLY C 133 2.62 11.41 2.39
N PHE C 134 2.99 10.18 2.72
CA PHE C 134 4.29 9.93 3.33
C PHE C 134 5.42 9.98 2.31
N LEU C 135 5.14 9.62 1.06
CA LEU C 135 6.14 9.79 0.01
C LEU C 135 6.57 11.24 -0.14
N GLY C 136 5.74 12.18 0.30
CA GLY C 136 6.17 13.56 0.37
C GLY C 136 7.00 13.86 1.60
N GLN C 137 6.79 13.10 2.68
CA GLN C 137 7.66 13.21 3.85
C GLN C 137 9.06 12.70 3.52
N VAL C 138 9.15 11.55 2.86
CA VAL C 138 10.44 10.99 2.48
C VAL C 138 11.14 11.89 1.46
N THR C 139 10.36 12.49 0.56
CA THR C 139 10.95 13.41 -0.41
C THR C 139 11.67 14.56 0.29
N ARG C 140 11.08 15.08 1.37
CA ARG C 140 11.76 16.12 2.13
C ARG C 140 12.97 15.57 2.88
N PHE C 141 12.93 14.27 3.24
CA PHE C 141 14.12 13.65 3.83
C PHE C 141 15.29 13.68 2.85
N VAL C 142 15.06 13.25 1.61
CA VAL C 142 16.13 13.15 0.63
C VAL C 142 16.64 14.55 0.27
N VAL C 143 15.73 15.48 -0.02
CA VAL C 143 16.14 16.82 -0.42
C VAL C 143 17.01 17.45 0.65
N ASP C 144 16.55 17.39 1.91
CA ASP C 144 17.28 18.05 2.98
C ASP C 144 18.60 17.36 3.28
N PHE C 145 18.66 16.03 3.14
CA PHE C 145 19.91 15.31 3.39
C PHE C 145 20.95 15.62 2.33
N MET C 146 20.55 15.59 1.05
CA MET C 146 21.48 15.93 -0.02
C MET C 146 21.96 17.37 0.08
N LEU C 147 21.11 18.26 0.62
CA LEU C 147 21.52 19.64 0.79
C LEU C 147 22.55 19.78 1.90
N HIS C 148 22.23 19.27 3.09
CA HIS C 148 23.06 19.45 4.27
C HIS C 148 24.24 18.46 4.34
N HIS C 149 24.35 17.54 3.39
CA HIS C 149 25.45 16.56 3.39
C HIS C 149 26.28 16.61 2.12
N SER C 150 26.26 17.74 1.41
CA SER C 150 27.15 17.96 0.27
C SER C 150 26.87 17.03 -0.90
N ILE C 151 25.85 16.17 -0.79
CA ILE C 151 25.51 15.31 -1.93
C ILE C 151 25.04 16.17 -3.11
N ALA C 152 24.26 17.21 -2.83
CA ALA C 152 23.84 18.12 -3.89
C ALA C 152 25.02 18.86 -4.49
N ARG C 153 25.91 19.38 -3.63
CA ARG C 153 27.11 20.06 -4.13
C ARG C 153 28.00 19.09 -4.89
N TRP C 154 28.04 17.82 -4.48
CA TRP C 154 28.78 16.82 -5.23
C TRP C 154 28.22 16.66 -6.64
N ILE C 155 26.89 16.58 -6.76
CA ILE C 155 26.28 16.46 -8.07
C ILE C 155 26.35 17.78 -8.83
N ALA C 156 26.19 18.90 -8.12
CA ALA C 156 26.29 20.20 -8.78
C ALA C 156 27.65 20.41 -9.41
N GLN C 157 28.72 20.03 -8.70
CA GLN C 157 30.07 20.17 -9.22
C GLN C 157 30.36 19.21 -10.37
N ARG C 158 29.50 18.23 -10.62
CA ARG C 158 29.68 17.27 -11.70
C ARG C 158 28.72 17.49 -12.85
N GLY C 159 27.99 18.60 -12.86
CA GLY C 159 27.11 18.95 -13.96
C GLY C 159 25.62 18.87 -13.69
N GLY C 160 25.20 18.81 -12.42
CA GLY C 160 23.78 18.78 -12.10
C GLY C 160 23.18 17.41 -12.31
N TRP C 161 21.88 17.32 -11.99
CA TRP C 161 21.16 16.06 -12.14
C TRP C 161 21.20 15.56 -13.57
N VAL C 162 21.17 16.46 -14.56
CA VAL C 162 21.13 16.05 -15.96
C VAL C 162 22.35 15.22 -16.33
N ALA C 163 23.45 15.36 -15.60
CA ALA C 163 24.65 14.57 -15.90
C ALA C 163 24.38 13.08 -15.83
N ALA C 164 23.48 12.66 -14.93
CA ALA C 164 23.16 11.24 -14.78
C ALA C 164 22.50 10.65 -16.03
N LEU C 165 22.14 11.47 -17.00
CA LEU C 165 21.50 10.96 -18.22
C LEU C 165 22.48 10.20 -19.10
N ASN C 166 23.78 10.35 -18.89
CA ASN C 166 24.77 9.64 -19.68
C ASN C 166 25.13 8.28 -19.09
N LEU C 167 24.62 7.94 -17.91
CA LEU C 167 24.80 6.62 -17.35
C LEU C 167 23.93 5.62 -18.10
N GLY C 168 24.54 4.52 -18.54
CA GLY C 168 23.83 3.51 -19.30
C GLY C 168 24.06 3.63 -20.81
N SER D 1 -25.19 12.18 -7.72
CA SER D 1 -25.42 13.11 -6.62
C SER D 1 -24.40 12.89 -5.54
N ARG D 2 -24.88 12.85 -4.30
CA ARG D 2 -24.02 12.61 -3.15
C ARG D 2 -23.15 11.37 -3.38
N ILE D 3 -21.90 11.46 -2.93
CA ILE D 3 -20.97 10.34 -3.11
C ILE D 3 -21.25 9.23 -2.10
N ILE D 4 -21.48 9.60 -0.83
CA ILE D 4 -21.78 8.59 0.18
C ILE D 4 -23.01 7.78 -0.20
N SER D 5 -24.05 8.45 -0.69
CA SER D 5 -25.26 7.74 -1.08
C SER D 5 -25.01 6.85 -2.30
N ARG D 6 -24.17 7.31 -3.23
CA ARG D 6 -23.90 6.54 -4.44
C ARG D 6 -23.10 5.28 -4.13
N ILE D 7 -22.19 5.34 -3.15
CA ILE D 7 -21.40 4.16 -2.80
C ILE D 7 -22.27 3.11 -2.13
N ALA D 8 -23.13 3.54 -1.20
CA ALA D 8 -24.04 2.59 -0.55
C ALA D 8 -24.96 1.91 -1.57
N GLN D 9 -25.40 2.67 -2.57
CA GLN D 9 -26.24 2.09 -3.62
C GLN D 9 -25.50 1.00 -4.38
N GLU D 10 -24.29 1.31 -4.86
CA GLU D 10 -23.52 0.33 -5.62
C GLU D 10 -23.10 -0.86 -4.78
N LEU D 11 -23.14 -0.74 -3.45
CA LEU D 11 -22.96 -1.93 -2.61
C LEU D 11 -24.20 -2.80 -2.60
N ARG D 12 -25.38 -2.19 -2.78
CA ARG D 12 -26.63 -2.96 -2.73
C ARG D 12 -26.74 -3.90 -3.93
N ARG D 13 -26.64 -3.35 -5.14
CA ARG D 13 -26.68 -4.19 -6.35
C ARG D 13 -25.47 -5.13 -6.29
N 9R4 D 14 -24.36 -4.62 -5.77
CA 9R4 D 14 -23.24 -5.43 -5.35
C 9R4 D 14 -23.75 -6.76 -4.75
O 9R4 D 14 -23.70 -7.79 -5.38
CB 9R4 D 14 -22.19 -5.69 -6.43
CG 9R4 D 14 -21.08 -6.70 -5.99
CD 9R4 D 14 -20.28 -6.32 -4.70
NE 9R4 D 14 -18.84 -6.06 -4.78
CZ 9R4 D 14 -18.04 -5.71 -3.59
C01 9R4 D 14 -18.01 -6.90 -2.61
C02 9R4 D 14 -18.66 -4.50 -2.87
CH 9R4 D 14 -16.60 -5.35 -4.00
O01 9R4 D 14 -15.71 -5.17 -3.12
O02 9R4 D 14 -16.31 -5.24 -5.22
O03 9R4 D 14 -20.84 -6.28 -3.66
N GLY D 15 -24.25 -6.68 -3.52
CA GLY D 15 -24.71 -7.84 -2.80
C GLY D 15 -25.92 -8.54 -3.38
N ASP D 16 -26.91 -7.75 -3.83
CA ASP D 16 -28.14 -8.34 -4.34
C ASP D 16 -27.86 -9.23 -5.54
N GLU D 17 -26.98 -8.78 -6.45
CA GLU D 17 -26.58 -9.64 -7.56
C GLU D 17 -25.84 -10.88 -7.04
N PHE D 18 -24.89 -10.66 -6.13
CA PHE D 18 -24.22 -11.80 -5.50
C PHE D 18 -25.22 -12.73 -4.84
N ASN D 19 -26.15 -12.16 -4.07
CA ASN D 19 -27.15 -12.98 -3.39
C ASN D 19 -28.07 -13.69 -4.39
N ALA D 20 -28.27 -13.10 -5.56
CA ALA D 20 -29.16 -13.70 -6.56
C ALA D 20 -28.54 -14.90 -7.26
N THR D 21 -27.22 -14.91 -7.40
CA THR D 21 -26.52 -15.96 -8.14
C THR D 21 -25.83 -16.97 -7.22
N TYR D 22 -26.03 -16.87 -5.91
CA TYR D 22 -25.40 -17.82 -4.98
C TYR D 22 -26.29 -18.24 -3.82
N ALA D 23 -27.30 -17.47 -3.44
CA ALA D 23 -28.18 -17.86 -2.34
C ALA D 23 -29.42 -18.59 -2.86
C1 EDO E . 35.13 -0.58 -9.66
O1 EDO E . 35.62 -1.92 -9.70
C2 EDO E . 35.97 0.25 -8.70
O2 EDO E . 35.42 1.57 -8.58
H11 EDO E . 35.17 -0.13 -10.66
H12 EDO E . 34.08 -0.57 -9.33
HO1 EDO E . 35.08 -2.44 -10.32
H21 EDO E . 35.99 -0.23 -7.72
H22 EDO E . 36.99 0.32 -9.06
HO2 EDO E . 35.95 2.09 -7.97
C1 EDO F . 37.18 -6.60 -6.88
O1 EDO F . 37.69 -7.59 -5.98
C2 EDO F . 38.20 -6.33 -7.99
O2 EDO F . 37.54 -5.76 -9.12
H11 EDO F . 36.98 -5.67 -6.34
H12 EDO F . 36.24 -6.95 -7.32
HO1 EDO F . 37.04 -7.75 -5.28
H21 EDO F . 38.98 -5.66 -7.62
H22 EDO F . 38.68 -7.28 -8.27
HO2 EDO F . 38.19 -5.59 -9.82
C1 EDO G . -5.61 -1.41 -9.73
O1 EDO G . -5.37 -2.78 -10.08
C2 EDO G . -5.59 -1.27 -8.21
O2 EDO G . -5.15 0.06 -7.86
H11 EDO G . -4.85 -0.77 -10.17
H12 EDO G . -6.59 -1.09 -10.11
HO1 EDO G . -5.39 -2.86 -11.05
H21 EDO G . -6.58 -1.45 -7.80
H22 EDO G . -4.90 -2.01 -7.78
HO2 EDO G . -5.13 0.14 -6.90
#